data_1V9Z
#
_entry.id   1V9Z
#
_cell.length_a   46.400
_cell.length_b   69.180
_cell.length_c   82.450
_cell.angle_alpha   90.00
_cell.angle_beta   90.00
_cell.angle_gamma   90.00
#
_symmetry.space_group_name_H-M   'P 21 21 21'
#
loop_
_entity.id
_entity.type
_entity.pdbx_description
1 polymer 'Heme pas sensor protein'
2 non-polymer 'PROTOPORPHYRIN IX CONTAINING FE'
3 water water
#
_entity_poly.entity_id   1
_entity_poly.type   'polypeptide(L)'
_entity_poly.pdbx_seq_one_letter_code
;MGSSHHHHHHSSGLVPRGSHMRQDAEVIMKLTDADNAADGIFFPALEQNMMGAVLINENDEVMFFNPAAEKLWGYKREEV
IGNNIDMLIPRDLRPAHPEYIRHNREGGKARVEGMSRELQLEKKDGSKIWTRFALSKVSAEGKVYYLALVRDASVEMAQK
EQTRQLI
;
_entity_poly.pdbx_strand_id   A,B
#
loop_
_chem_comp.id
_chem_comp.type
_chem_comp.name
_chem_comp.formula
HEM non-polymer 'PROTOPORPHYRIN IX CONTAINING FE' 'C34 H32 Fe N4 O4'
#
# COMPACT_ATOMS: atom_id res chain seq x y z
N GLY A 40 9.84 10.82 -10.63
CA GLY A 40 9.66 9.96 -9.42
C GLY A 40 8.24 10.08 -8.91
N ILE A 41 7.44 9.04 -9.15
CA ILE A 41 6.05 9.03 -8.73
C ILE A 41 5.84 7.99 -7.61
N PHE A 42 6.76 7.03 -7.52
CA PHE A 42 6.66 5.99 -6.50
C PHE A 42 6.83 6.50 -5.07
N PHE A 43 7.75 7.43 -4.85
CA PHE A 43 7.92 7.97 -3.51
C PHE A 43 6.66 8.74 -3.13
N PRO A 44 6.24 9.69 -3.98
CA PRO A 44 5.03 10.43 -3.63
C PRO A 44 3.83 9.52 -3.39
N ALA A 45 3.78 8.40 -4.09
CA ALA A 45 2.68 7.46 -3.96
C ALA A 45 2.64 6.82 -2.57
N LEU A 46 3.81 6.57 -2.00
CA LEU A 46 3.90 6.00 -0.66
C LEU A 46 3.89 7.13 0.35
N GLU A 47 4.57 8.23 0.03
CA GLU A 47 4.63 9.38 0.92
C GLU A 47 3.23 9.93 1.22
N GLN A 48 2.42 10.16 0.20
CA GLN A 48 1.08 10.70 0.42
C GLN A 48 0.01 9.62 0.54
N ASN A 49 0.42 8.37 0.70
CA ASN A 49 -0.56 7.30 0.79
C ASN A 49 -1.46 7.46 2.01
N MET A 50 -2.71 7.02 1.89
CA MET A 50 -3.64 7.12 3.00
C MET A 50 -3.24 6.14 4.09
N MET A 51 -2.66 5.02 3.69
CA MET A 51 -2.24 4.02 4.67
C MET A 51 -0.91 4.42 5.28
N GLY A 52 -0.68 3.95 6.50
CA GLY A 52 0.58 4.23 7.14
C GLY A 52 1.58 3.33 6.43
N ALA A 53 2.77 3.85 6.18
CA ALA A 53 3.78 3.06 5.50
C ALA A 53 5.05 3.07 6.34
N VAL A 54 5.57 1.88 6.63
CA VAL A 54 6.79 1.72 7.42
C VAL A 54 7.75 0.79 6.67
N LEU A 55 8.91 1.31 6.29
CA LEU A 55 9.89 0.51 5.57
C LEU A 55 11.16 0.32 6.39
N ILE A 56 11.53 -0.93 6.65
CA ILE A 56 12.74 -1.23 7.42
C ILE A 56 13.80 -1.94 6.58
N ASN A 57 15.06 -1.64 6.86
CA ASN A 57 16.18 -2.24 6.11
C ASN A 57 16.59 -3.61 6.61
N GLU A 58 17.75 -4.07 6.14
CA GLU A 58 18.28 -5.38 6.51
C GLU A 58 18.61 -5.55 8.00
N ASN A 59 18.79 -4.44 8.71
CA ASN A 59 19.08 -4.53 10.13
C ASN A 59 17.86 -4.12 10.96
N ASP A 60 16.69 -4.22 10.34
CA ASP A 60 15.41 -3.89 10.98
C ASP A 60 15.31 -2.44 11.43
N GLU A 61 16.07 -1.55 10.79
CA GLU A 61 16.04 -0.14 11.16
C GLU A 61 15.08 0.62 10.24
N VAL A 62 14.30 1.53 10.81
CA VAL A 62 13.34 2.29 10.02
C VAL A 62 13.97 3.32 9.11
N MET A 63 13.69 3.21 7.81
CA MET A 63 14.23 4.13 6.81
C MET A 63 13.18 5.04 6.22
N PHE A 64 11.91 4.67 6.36
CA PHE A 64 10.82 5.45 5.82
C PHE A 64 9.62 5.32 6.75
N PHE A 65 8.98 6.43 7.03
CA PHE A 65 7.84 6.44 7.95
C PHE A 65 7.02 7.66 7.51
N ASN A 66 5.89 7.40 6.83
CA ASN A 66 5.06 8.47 6.31
C ASN A 66 4.08 9.13 7.29
N PRO A 67 3.56 10.32 6.93
CA PRO A 67 2.61 11.08 7.74
C PRO A 67 1.41 10.26 8.25
N ALA A 68 0.88 9.39 7.39
CA ALA A 68 -0.23 8.53 7.80
C ALA A 68 0.25 7.67 8.97
N ALA A 69 1.48 7.19 8.88
CA ALA A 69 2.04 6.37 9.94
C ALA A 69 2.26 7.21 11.20
N GLU A 70 2.58 8.49 11.02
CA GLU A 70 2.80 9.38 12.16
C GLU A 70 1.51 9.51 12.99
N LYS A 71 0.38 9.62 12.29
CA LYS A 71 -0.91 9.76 12.96
C LYS A 71 -1.37 8.47 13.63
N LEU A 72 -1.05 7.32 13.04
CA LEU A 72 -1.45 6.03 13.62
C LEU A 72 -0.71 5.74 14.93
N TRP A 73 0.62 5.86 14.89
CA TRP A 73 1.46 5.58 16.05
C TRP A 73 1.59 6.71 17.07
N GLY A 74 1.52 7.95 16.60
CA GLY A 74 1.66 9.07 17.51
C GLY A 74 3.10 9.53 17.62
N TYR A 75 3.95 9.04 16.73
CA TYR A 75 5.36 9.41 16.70
C TYR A 75 5.63 10.24 15.45
N LYS A 76 6.45 11.28 15.58
CA LYS A 76 6.81 12.09 14.42
C LYS A 76 7.87 11.26 13.72
N ARG A 77 7.93 11.37 12.41
CA ARG A 77 8.89 10.62 11.62
C ARG A 77 10.32 10.78 12.11
N GLU A 78 10.69 12.01 12.47
CA GLU A 78 12.04 12.29 12.96
C GLU A 78 12.42 11.45 14.19
N GLU A 79 11.43 11.01 14.95
CA GLU A 79 11.66 10.21 16.16
C GLU A 79 11.85 8.73 15.84
N VAL A 80 11.55 8.35 14.61
CA VAL A 80 11.61 6.95 14.20
C VAL A 80 12.74 6.57 13.24
N ILE A 81 13.05 7.44 12.29
CA ILE A 81 14.11 7.16 11.32
C ILE A 81 15.43 6.75 11.96
N GLY A 82 15.97 5.62 11.49
CA GLY A 82 17.23 5.12 12.01
C GLY A 82 17.13 4.22 13.22
N ASN A 83 15.97 4.20 13.89
CA ASN A 83 15.80 3.37 15.07
C ASN A 83 15.31 1.97 14.75
N ASN A 84 15.55 1.05 15.68
CA ASN A 84 15.12 -0.32 15.49
C ASN A 84 13.59 -0.36 15.43
N ILE A 85 13.05 -1.27 14.64
CA ILE A 85 11.60 -1.44 14.49
C ILE A 85 10.96 -1.68 15.86
N ASP A 86 11.79 -2.14 16.79
CA ASP A 86 11.37 -2.43 18.16
C ASP A 86 10.50 -1.33 18.77
N MET A 87 10.87 -0.07 18.57
CA MET A 87 10.12 1.05 19.13
C MET A 87 8.71 1.19 18.58
N LEU A 88 8.41 0.47 17.50
CA LEU A 88 7.09 0.54 16.92
C LEU A 88 6.21 -0.64 17.34
N ILE A 89 6.84 -1.65 17.95
CA ILE A 89 6.15 -2.87 18.40
C ILE A 89 5.53 -2.69 19.79
N PRO A 90 4.33 -3.24 20.02
CA PRO A 90 3.73 -3.09 21.35
C PRO A 90 4.67 -3.65 22.42
N ARG A 91 4.68 -3.05 23.60
CA ARG A 91 5.57 -3.50 24.68
C ARG A 91 5.47 -5.00 24.99
N ASP A 92 4.26 -5.53 25.00
CA ASP A 92 4.09 -6.94 25.31
C ASP A 92 4.35 -7.90 24.15
N LEU A 93 4.92 -7.39 23.07
CA LEU A 93 5.24 -8.22 21.92
C LEU A 93 6.71 -8.04 21.56
N ARG A 94 7.33 -7.01 22.13
CA ARG A 94 8.72 -6.74 21.87
C ARG A 94 9.61 -7.95 22.16
N PRO A 95 9.32 -8.69 23.23
CA PRO A 95 10.16 -9.85 23.50
C PRO A 95 10.10 -10.92 22.41
N ALA A 96 8.92 -11.16 21.85
CA ALA A 96 8.78 -12.19 20.83
C ALA A 96 8.93 -11.76 19.38
N HIS A 97 8.66 -10.50 19.10
CA HIS A 97 8.74 -10.01 17.73
C HIS A 97 10.06 -10.29 16.97
N PRO A 98 11.20 -9.89 17.55
CA PRO A 98 12.50 -10.12 16.89
C PRO A 98 12.72 -11.56 16.41
N GLU A 99 12.11 -12.51 17.09
CA GLU A 99 12.27 -13.88 16.69
C GLU A 99 11.52 -14.15 15.40
N TYR A 100 10.47 -13.37 15.13
CA TYR A 100 9.64 -13.56 13.93
C TYR A 100 10.23 -12.92 12.71
N ILE A 101 10.93 -11.82 12.87
CA ILE A 101 11.52 -11.27 11.69
C ILE A 101 12.70 -12.19 11.32
N ARG A 102 13.49 -12.52 12.32
CA ARG A 102 14.68 -13.36 12.21
C ARG A 102 14.34 -14.60 11.42
N HIS A 103 13.31 -15.31 11.89
CA HIS A 103 12.83 -16.53 11.26
C HIS A 103 12.49 -16.32 9.79
N ASN A 104 11.83 -15.22 9.47
CA ASN A 104 11.45 -14.95 8.09
C ASN A 104 12.64 -14.60 7.19
N ARG A 105 13.56 -13.79 7.70
CA ARG A 105 14.73 -13.43 6.91
C ARG A 105 15.51 -14.70 6.60
N GLU A 106 15.60 -15.59 7.59
CA GLU A 106 16.32 -16.84 7.41
C GLU A 106 15.55 -17.80 6.51
N GLY A 107 14.32 -17.43 6.15
CA GLY A 107 13.50 -18.27 5.31
C GLY A 107 13.64 -18.10 3.80
N GLY A 108 14.33 -17.04 3.37
CA GLY A 108 14.54 -16.81 1.94
C GLY A 108 13.31 -16.85 1.04
N LYS A 109 12.14 -17.10 1.61
CA LYS A 109 10.89 -17.18 0.84
C LYS A 109 10.36 -15.80 0.44
N ALA A 110 10.07 -15.61 -0.84
CA ALA A 110 9.53 -14.33 -1.34
C ALA A 110 8.13 -14.11 -0.78
N ARG A 111 7.50 -15.18 -0.31
CA ARG A 111 6.16 -15.05 0.24
C ARG A 111 6.19 -14.72 1.73
N VAL A 112 5.35 -13.76 2.12
CA VAL A 112 5.20 -13.34 3.51
C VAL A 112 3.69 -13.37 3.74
N GLU A 113 3.26 -14.17 4.71
CA GLU A 113 1.82 -14.30 5.00
C GLU A 113 1.51 -13.74 6.38
N GLY A 114 2.56 -13.38 7.09
CA GLY A 114 2.40 -12.85 8.43
C GLY A 114 1.50 -11.65 8.58
N MET A 115 1.12 -11.38 9.82
CA MET A 115 0.30 -10.24 10.18
C MET A 115 -0.88 -9.98 9.25
N SER A 116 -1.55 -11.02 8.78
CA SER A 116 -2.66 -10.80 7.88
C SER A 116 -3.96 -10.50 8.64
N ARG A 117 -3.88 -10.44 9.96
CA ARG A 117 -5.11 -10.19 10.70
C ARG A 117 -5.19 -8.82 11.34
N GLU A 118 -6.09 -8.71 12.31
CA GLU A 118 -6.27 -7.48 13.04
C GLU A 118 -5.21 -7.55 14.12
N LEU A 119 -4.45 -6.48 14.27
CA LEU A 119 -3.41 -6.43 15.29
C LEU A 119 -3.64 -5.18 16.12
N GLN A 120 -3.28 -5.24 17.39
CA GLN A 120 -3.42 -4.09 18.26
C GLN A 120 -2.13 -3.30 18.20
N LEU A 121 -2.23 -2.06 17.75
CA LEU A 121 -1.08 -1.17 17.63
C LEU A 121 -1.02 -0.29 18.88
N GLU A 122 0.15 -0.23 19.51
CA GLU A 122 0.34 0.56 20.72
C GLU A 122 0.99 1.89 20.35
N LYS A 123 0.31 2.99 20.66
CA LYS A 123 0.82 4.32 20.34
C LYS A 123 1.87 4.84 21.33
N LYS A 124 2.41 6.01 21.01
CA LYS A 124 3.43 6.64 21.86
C LYS A 124 2.93 6.93 23.27
N ASP A 125 1.68 7.38 23.38
CA ASP A 125 1.10 7.69 24.68
C ASP A 125 0.60 6.43 25.39
N GLY A 126 0.83 5.28 24.77
CA GLY A 126 0.42 4.02 25.38
C GLY A 126 -0.97 3.51 25.07
N SER A 127 -1.82 4.33 24.47
CA SER A 127 -3.17 3.88 24.15
C SER A 127 -3.08 2.87 23.01
N LYS A 128 -4.12 2.08 22.82
CA LYS A 128 -4.09 1.07 21.77
C LYS A 128 -5.29 1.14 20.86
N ILE A 129 -5.06 0.84 19.59
CA ILE A 129 -6.11 0.83 18.58
C ILE A 129 -5.92 -0.42 17.77
N TRP A 130 -7.00 -0.88 17.14
CA TRP A 130 -6.92 -2.06 16.31
C TRP A 130 -6.64 -1.63 14.89
N THR A 131 -5.83 -2.42 14.19
CA THR A 131 -5.45 -2.09 12.83
C THR A 131 -5.37 -3.31 11.91
N ARG A 132 -5.15 -3.03 10.63
CA ARG A 132 -5.00 -4.06 9.61
C ARG A 132 -3.65 -3.81 8.97
N PHE A 133 -2.84 -4.86 8.91
CA PHE A 133 -1.52 -4.77 8.32
C PHE A 133 -1.41 -5.56 7.03
N ALA A 134 -0.62 -5.04 6.10
CA ALA A 134 -0.37 -5.71 4.84
C ALA A 134 1.18 -5.65 4.84
N LEU A 135 1.80 -6.81 5.03
CA LEU A 135 3.26 -6.90 5.07
C LEU A 135 3.81 -7.44 3.75
N SER A 136 4.89 -6.84 3.26
CA SER A 136 5.51 -7.29 2.02
C SER A 136 7.02 -7.39 2.20
N LYS A 137 7.62 -8.48 1.75
CA LYS A 137 9.06 -8.62 1.84
C LYS A 137 9.57 -7.97 0.57
N VAL A 138 10.58 -7.12 0.69
CA VAL A 138 11.10 -6.41 -0.47
C VAL A 138 12.59 -6.59 -0.69
N SER A 139 12.95 -7.13 -1.84
CA SER A 139 14.35 -7.32 -2.16
C SER A 139 14.79 -6.14 -3.01
N ALA A 140 15.52 -5.22 -2.41
CA ALA A 140 15.98 -4.04 -3.12
C ALA A 140 17.43 -3.77 -2.82
N GLU A 141 18.10 -3.19 -3.81
CA GLU A 141 19.51 -2.87 -3.67
C GLU A 141 20.25 -4.11 -3.19
N GLY A 142 19.67 -5.27 -3.49
CA GLY A 142 20.28 -6.52 -3.10
C GLY A 142 20.25 -6.80 -1.61
N LYS A 143 19.14 -6.45 -0.98
CA LYS A 143 19.00 -6.70 0.45
C LYS A 143 17.56 -7.04 0.77
N VAL A 144 17.32 -7.51 1.98
CA VAL A 144 15.97 -7.87 2.38
C VAL A 144 15.30 -6.77 3.20
N TYR A 145 14.35 -6.09 2.56
CA TYR A 145 13.54 -5.00 3.13
C TYR A 145 12.13 -5.50 3.41
N TYR A 146 11.45 -4.84 4.34
CA TYR A 146 10.07 -5.20 4.63
C TYR A 146 9.26 -3.92 4.64
N LEU A 147 8.11 -3.95 3.99
CA LEU A 147 7.24 -2.79 3.98
C LEU A 147 5.94 -3.17 4.65
N ALA A 148 5.51 -2.35 5.62
CA ALA A 148 4.25 -2.60 6.31
C ALA A 148 3.28 -1.47 6.02
N LEU A 149 2.18 -1.79 5.34
CA LEU A 149 1.15 -0.79 5.04
C LEU A 149 0.07 -1.01 6.09
N VAL A 150 -0.28 0.04 6.84
CA VAL A 150 -1.26 -0.08 7.92
C VAL A 150 -2.48 0.83 7.79
N ARG A 151 -3.60 0.39 8.36
CA ARG A 151 -4.87 1.14 8.35
C ARG A 151 -5.75 0.80 9.57
N ASP A 152 -6.84 1.55 9.72
CA ASP A 152 -7.86 1.42 10.79
C ASP A 152 -7.70 2.54 11.80
N GLY B 40 16.85 1.59 -6.33
CA GLY B 40 16.09 2.48 -5.40
C GLY B 40 15.36 1.63 -4.38
N ILE B 41 14.55 2.26 -3.53
CA ILE B 41 13.83 1.48 -2.53
C ILE B 41 12.31 1.56 -2.69
N PHE B 42 11.80 2.72 -3.09
CA PHE B 42 10.36 2.91 -3.25
C PHE B 42 9.71 2.17 -4.41
N PHE B 43 10.41 2.06 -5.52
CA PHE B 43 9.83 1.33 -6.65
C PHE B 43 9.67 -0.13 -6.25
N PRO B 44 10.72 -0.75 -5.69
CA PRO B 44 10.65 -2.15 -5.28
C PRO B 44 9.55 -2.38 -4.25
N ALA B 45 9.33 -1.39 -3.40
CA ALA B 45 8.31 -1.50 -2.35
C ALA B 45 6.90 -1.65 -2.89
N LEU B 46 6.63 -1.10 -4.07
CA LEU B 46 5.29 -1.22 -4.67
C LEU B 46 5.27 -2.35 -5.70
N GLU B 47 6.37 -2.49 -6.44
CA GLU B 47 6.46 -3.53 -7.45
C GLU B 47 6.30 -4.93 -6.86
N GLN B 48 7.01 -5.19 -5.77
CA GLN B 48 6.98 -6.50 -5.11
C GLN B 48 6.01 -6.55 -3.95
N ASN B 49 5.07 -5.60 -3.89
CA ASN B 49 4.11 -5.55 -2.80
C ASN B 49 3.08 -6.68 -2.89
N MET B 50 2.66 -7.21 -1.73
CA MET B 50 1.67 -8.27 -1.70
C MET B 50 0.33 -7.75 -2.19
N MET B 51 0.15 -6.44 -2.13
CA MET B 51 -1.09 -5.82 -2.59
C MET B 51 -0.97 -5.41 -4.05
N GLY B 52 -2.06 -5.56 -4.79
CA GLY B 52 -2.03 -5.13 -6.18
C GLY B 52 -1.92 -3.62 -6.13
N ALA B 53 -1.14 -3.04 -7.03
CA ALA B 53 -0.96 -1.59 -7.08
C ALA B 53 -1.29 -1.09 -8.48
N VAL B 54 -2.13 -0.06 -8.56
CA VAL B 54 -2.53 0.50 -9.84
C VAL B 54 -2.43 2.02 -9.76
N LEU B 55 -1.60 2.61 -10.61
CA LEU B 55 -1.43 4.05 -10.64
C LEU B 55 -1.93 4.64 -11.96
N ILE B 56 -2.83 5.61 -11.89
CA ILE B 56 -3.32 6.25 -13.10
C ILE B 56 -2.86 7.70 -13.07
N ASN B 57 -2.50 8.24 -14.24
CA ASN B 57 -2.04 9.63 -14.30
C ASN B 57 -3.19 10.61 -14.43
N GLU B 58 -2.87 11.86 -14.74
CA GLU B 58 -3.87 12.91 -14.87
C GLU B 58 -4.91 12.66 -15.97
N ASN B 59 -4.58 11.79 -16.92
CA ASN B 59 -5.48 11.47 -18.02
C ASN B 59 -6.19 10.15 -17.83
N ASP B 60 -6.18 9.67 -16.59
CA ASP B 60 -6.81 8.40 -16.26
C ASP B 60 -6.25 7.23 -17.05
N GLU B 61 -4.96 7.30 -17.35
CA GLU B 61 -4.32 6.20 -18.06
C GLU B 61 -3.51 5.43 -17.03
N VAL B 62 -3.45 4.12 -17.17
CA VAL B 62 -2.69 3.31 -16.23
C VAL B 62 -1.20 3.41 -16.48
N MET B 63 -0.48 3.94 -15.50
CA MET B 63 0.98 4.14 -15.56
C MET B 63 1.77 3.02 -14.90
N PHE B 64 1.14 2.33 -13.95
CA PHE B 64 1.80 1.26 -13.22
C PHE B 64 0.79 0.19 -12.89
N PHE B 65 1.21 -1.06 -12.95
CA PHE B 65 0.31 -2.20 -12.70
C PHE B 65 1.22 -3.36 -12.28
N ASN B 66 1.39 -3.55 -10.97
CA ASN B 66 2.28 -4.60 -10.47
C ASN B 66 1.80 -6.06 -10.63
N PRO B 67 2.70 -7.03 -10.42
CA PRO B 67 2.31 -8.44 -10.55
C PRO B 67 1.12 -8.85 -9.69
N ALA B 68 1.02 -8.27 -8.50
CA ALA B 68 -0.08 -8.55 -7.60
C ALA B 68 -1.38 -8.16 -8.29
N ALA B 69 -1.35 -7.06 -9.03
CA ALA B 69 -2.54 -6.59 -9.73
C ALA B 69 -2.85 -7.45 -10.96
N GLU B 70 -1.81 -8.02 -11.57
CA GLU B 70 -2.02 -8.88 -12.73
C GLU B 70 -2.79 -10.12 -12.32
N LYS B 71 -2.48 -10.65 -11.14
CA LYS B 71 -3.15 -11.84 -10.64
C LYS B 71 -4.58 -11.53 -10.25
N LEU B 72 -4.79 -10.37 -9.64
CA LEU B 72 -6.13 -9.99 -9.22
C LEU B 72 -7.09 -9.88 -10.41
N TRP B 73 -6.70 -9.09 -11.41
CA TRP B 73 -7.50 -8.84 -12.60
C TRP B 73 -7.45 -9.89 -13.71
N GLY B 74 -6.31 -10.54 -13.89
CA GLY B 74 -6.23 -11.52 -14.95
C GLY B 74 -5.64 -10.91 -16.21
N TYR B 75 -5.11 -9.69 -16.06
CA TYR B 75 -4.48 -8.99 -17.16
C TYR B 75 -2.97 -8.96 -16.94
N LYS B 76 -2.19 -9.11 -18.00
CA LYS B 76 -0.75 -9.03 -17.87
C LYS B 76 -0.51 -7.51 -18.02
N ARG B 77 0.58 -7.01 -17.50
CA ARG B 77 0.85 -5.57 -17.56
C ARG B 77 0.82 -4.96 -18.95
N GLU B 78 1.25 -5.74 -19.93
CA GLU B 78 1.28 -5.28 -21.30
C GLU B 78 -0.12 -4.92 -21.81
N GLU B 79 -1.14 -5.57 -21.24
CA GLU B 79 -2.53 -5.31 -21.67
C GLU B 79 -3.17 -4.15 -20.94
N VAL B 80 -2.45 -3.56 -19.99
CA VAL B 80 -2.99 -2.47 -19.21
C VAL B 80 -2.27 -1.14 -19.35
N ILE B 81 -0.95 -1.16 -19.22
CA ILE B 81 -0.17 0.06 -19.32
C ILE B 81 -0.48 0.90 -20.55
N GLY B 82 -0.79 2.17 -20.34
CA GLY B 82 -1.10 3.08 -21.43
C GLY B 82 -2.56 3.15 -21.82
N ASN B 83 -3.36 2.23 -21.29
CA ASN B 83 -4.79 2.20 -21.60
C ASN B 83 -5.60 2.97 -20.54
N ASN B 84 -6.87 3.20 -20.82
CA ASN B 84 -7.75 3.94 -19.89
C ASN B 84 -8.13 3.08 -18.69
N ILE B 85 -8.39 3.73 -17.56
CA ILE B 85 -8.78 3.07 -16.32
C ILE B 85 -10.05 2.24 -16.47
N ASP B 86 -10.92 2.65 -17.39
CA ASP B 86 -12.19 1.95 -17.62
C ASP B 86 -12.05 0.47 -17.96
N MET B 87 -10.90 0.04 -18.47
CA MET B 87 -10.75 -1.37 -18.80
C MET B 87 -10.65 -2.19 -17.53
N LEU B 88 -10.39 -1.53 -16.42
CA LEU B 88 -10.25 -2.19 -15.12
C LEU B 88 -11.53 -2.10 -14.29
N ILE B 89 -12.47 -1.28 -14.73
CA ILE B 89 -13.74 -1.10 -14.04
C ILE B 89 -14.78 -2.11 -14.54
N PRO B 90 -15.44 -2.85 -13.61
CA PRO B 90 -16.45 -3.83 -14.04
C PRO B 90 -17.35 -3.21 -15.12
N ARG B 91 -17.76 -3.99 -16.11
CA ARG B 91 -18.59 -3.46 -17.18
C ARG B 91 -19.84 -2.71 -16.72
N ASP B 92 -20.59 -3.26 -15.77
CA ASP B 92 -21.81 -2.57 -15.37
C ASP B 92 -21.62 -1.31 -14.53
N LEU B 93 -20.37 -1.00 -14.15
CA LEU B 93 -20.06 0.21 -13.40
C LEU B 93 -19.32 1.22 -14.26
N ARG B 94 -18.96 0.81 -15.49
CA ARG B 94 -18.26 1.70 -16.41
C ARG B 94 -19.05 2.97 -16.72
N PRO B 95 -20.39 2.89 -16.75
CA PRO B 95 -21.18 4.09 -17.05
C PRO B 95 -21.10 5.16 -15.96
N ALA B 96 -21.00 4.74 -14.70
CA ALA B 96 -20.96 5.68 -13.60
C ALA B 96 -19.59 6.08 -13.07
N HIS B 97 -18.61 5.20 -13.20
CA HIS B 97 -17.28 5.48 -12.69
C HIS B 97 -16.55 6.76 -13.14
N PRO B 98 -16.67 7.14 -14.42
CA PRO B 98 -15.98 8.35 -14.87
C PRO B 98 -16.41 9.62 -14.11
N GLU B 99 -17.69 9.70 -13.76
CA GLU B 99 -18.17 10.86 -13.05
C GLU B 99 -17.59 10.95 -11.64
N TYR B 100 -17.31 9.79 -11.04
CA TYR B 100 -16.76 9.79 -9.69
C TYR B 100 -15.31 10.24 -9.63
N ILE B 101 -14.52 9.89 -10.63
CA ILE B 101 -13.14 10.34 -10.61
C ILE B 101 -13.15 11.82 -10.96
N ARG B 102 -13.95 12.20 -11.95
CA ARG B 102 -14.01 13.60 -12.37
C ARG B 102 -14.44 14.51 -11.23
N HIS B 103 -15.50 14.11 -10.53
CA HIS B 103 -16.00 14.88 -9.42
C HIS B 103 -14.91 15.08 -8.38
N ASN B 104 -14.09 14.05 -8.19
CA ASN B 104 -13.02 14.12 -7.21
C ASN B 104 -11.87 15.02 -7.62
N ARG B 105 -11.50 14.95 -8.90
CA ARG B 105 -10.41 15.77 -9.43
C ARG B 105 -10.79 17.26 -9.38
N GLU B 106 -12.06 17.56 -9.61
CA GLU B 106 -12.53 18.94 -9.59
C GLU B 106 -12.63 19.47 -8.16
N GLY B 107 -12.55 18.56 -7.21
CA GLY B 107 -12.65 18.94 -5.81
C GLY B 107 -11.37 19.40 -5.12
N GLY B 108 -10.25 19.37 -5.84
CA GLY B 108 -8.99 19.81 -5.27
C GLY B 108 -8.64 19.37 -3.85
N LYS B 109 -9.45 18.49 -3.27
CA LYS B 109 -9.22 18.02 -1.90
C LYS B 109 -8.10 16.97 -1.86
N ALA B 110 -7.22 17.05 -0.87
CA ALA B 110 -6.11 16.11 -0.77
C ALA B 110 -6.52 14.71 -0.33
N ARG B 111 -7.70 14.60 0.29
CA ARG B 111 -8.19 13.31 0.76
C ARG B 111 -9.09 12.63 -0.28
N VAL B 112 -9.32 11.34 -0.07
CA VAL B 112 -10.19 10.53 -0.91
C VAL B 112 -10.89 9.61 0.09
N GLU B 113 -12.20 9.79 0.25
CA GLU B 113 -12.94 8.96 1.20
C GLU B 113 -13.60 7.77 0.52
N GLY B 114 -13.74 7.85 -0.80
CA GLY B 114 -14.37 6.78 -1.55
C GLY B 114 -13.64 5.45 -1.63
N MET B 115 -14.38 4.42 -2.04
CA MET B 115 -13.88 3.06 -2.18
C MET B 115 -13.36 2.53 -0.85
N SER B 116 -13.92 3.06 0.24
CA SER B 116 -13.52 2.66 1.57
C SER B 116 -14.12 1.31 1.96
N ARG B 117 -14.90 0.72 1.06
CA ARG B 117 -15.48 -0.56 1.41
C ARG B 117 -15.26 -1.62 0.35
N GLU B 118 -15.62 -2.85 0.68
CA GLU B 118 -15.45 -3.96 -0.22
C GLU B 118 -16.08 -3.70 -1.58
N LEU B 119 -15.28 -3.91 -2.62
CA LEU B 119 -15.72 -3.73 -3.99
C LEU B 119 -15.62 -5.06 -4.73
N GLN B 120 -16.57 -5.29 -5.61
CA GLN B 120 -16.59 -6.51 -6.40
C GLN B 120 -15.76 -6.27 -7.66
N LEU B 121 -14.60 -6.91 -7.74
CA LEU B 121 -13.72 -6.76 -8.88
C LEU B 121 -14.04 -7.79 -9.97
N GLU B 122 -13.98 -7.35 -11.22
CA GLU B 122 -14.27 -8.23 -12.34
C GLU B 122 -13.01 -8.48 -13.17
N LYS B 123 -12.66 -9.76 -13.31
CA LYS B 123 -11.47 -10.16 -14.05
C LYS B 123 -11.67 -10.18 -15.54
N LYS B 124 -10.58 -10.34 -16.27
CA LYS B 124 -10.64 -10.37 -17.72
C LYS B 124 -11.59 -11.47 -18.21
N ASP B 125 -11.56 -12.62 -17.56
CA ASP B 125 -12.41 -13.75 -17.95
C ASP B 125 -13.88 -13.60 -17.54
N GLY B 126 -14.19 -12.52 -16.86
CA GLY B 126 -15.57 -12.31 -16.46
C GLY B 126 -15.94 -12.76 -15.06
N SER B 127 -15.10 -13.57 -14.42
CA SER B 127 -15.40 -14.01 -13.07
C SER B 127 -15.27 -12.83 -12.10
N LYS B 128 -15.99 -12.89 -10.99
CA LYS B 128 -15.96 -11.80 -10.04
C LYS B 128 -15.46 -12.20 -8.66
N ILE B 129 -14.70 -11.31 -8.05
CA ILE B 129 -14.16 -11.56 -6.73
C ILE B 129 -14.32 -10.32 -5.88
N TRP B 130 -14.55 -10.50 -4.58
CA TRP B 130 -14.70 -9.36 -3.70
C TRP B 130 -13.31 -8.92 -3.26
N THR B 131 -13.12 -7.61 -3.12
CA THR B 131 -11.81 -7.08 -2.74
C THR B 131 -11.90 -5.94 -1.75
N ARG B 132 -10.75 -5.51 -1.24
CA ARG B 132 -10.64 -4.40 -0.30
C ARG B 132 -9.73 -3.39 -1.01
N PHE B 133 -10.18 -2.15 -1.11
CA PHE B 133 -9.41 -1.11 -1.77
C PHE B 133 -8.90 -0.03 -0.83
N ALA B 134 -7.71 0.48 -1.10
CA ALA B 134 -7.14 1.58 -0.33
C ALA B 134 -6.69 2.55 -1.43
N LEU B 135 -7.46 3.61 -1.60
CA LEU B 135 -7.23 4.63 -2.63
C LEU B 135 -6.58 5.90 -2.09
N SER B 136 -5.57 6.38 -2.80
CA SER B 136 -4.86 7.60 -2.40
C SER B 136 -4.72 8.57 -3.56
N LYS B 137 -4.93 9.86 -3.31
CA LYS B 137 -4.75 10.86 -4.36
C LYS B 137 -3.30 11.29 -4.20
N VAL B 138 -2.55 11.30 -5.30
CA VAL B 138 -1.14 11.67 -5.25
C VAL B 138 -0.81 12.86 -6.13
N SER B 139 -0.35 13.94 -5.50
CA SER B 139 0.04 15.15 -6.23
C SER B 139 1.53 15.16 -6.45
N ALA B 140 1.93 15.33 -7.71
CA ALA B 140 3.33 15.37 -8.05
C ALA B 140 3.50 16.19 -9.32
N GLU B 141 4.59 16.94 -9.40
CA GLU B 141 4.91 17.74 -10.57
C GLU B 141 3.72 18.50 -11.13
N GLY B 142 2.88 19.01 -10.24
CA GLY B 142 1.72 19.77 -10.66
C GLY B 142 0.52 18.99 -11.17
N LYS B 143 0.58 17.66 -11.17
CA LYS B 143 -0.54 16.88 -11.67
C LYS B 143 -1.14 15.94 -10.62
N VAL B 144 -2.40 15.55 -10.80
CA VAL B 144 -3.08 14.66 -9.87
C VAL B 144 -3.13 13.21 -10.34
N TYR B 145 -2.53 12.32 -9.56
CA TYR B 145 -2.50 10.90 -9.85
C TYR B 145 -3.33 10.19 -8.79
N TYR B 146 -3.61 8.92 -9.02
CA TYR B 146 -4.35 8.12 -8.05
C TYR B 146 -3.68 6.76 -7.94
N LEU B 147 -3.48 6.30 -6.72
CA LEU B 147 -2.87 5.01 -6.48
C LEU B 147 -3.85 4.15 -5.73
N ALA B 148 -4.22 3.03 -6.34
CA ALA B 148 -5.14 2.08 -5.73
C ALA B 148 -4.37 0.86 -5.26
N LEU B 149 -4.49 0.55 -3.97
CA LEU B 149 -3.84 -0.63 -3.40
C LEU B 149 -4.99 -1.60 -3.15
N VAL B 150 -4.86 -2.80 -3.71
CA VAL B 150 -5.91 -3.81 -3.64
C VAL B 150 -5.55 -5.15 -3.01
N ARG B 151 -6.54 -5.79 -2.38
CA ARG B 151 -6.35 -7.10 -1.75
C ARG B 151 -7.63 -7.93 -1.68
N ASP B 152 -7.43 -9.21 -1.35
CA ASP B 152 -8.43 -10.27 -1.17
C ASP B 152 -8.31 -11.37 -2.23
CHA HEM C . 5.56 -11.03 12.58
CHB HEM C . 2.92 -8.02 15.41
CHC HEM C . 4.74 -4.21 13.05
CHD HEM C . 7.39 -7.14 10.26
C1A HEM C . 4.65 -10.52 13.58
C2A HEM C . 3.87 -11.37 14.48
C3A HEM C . 3.12 -10.52 15.28
C4A HEM C . 3.45 -9.17 14.86
CMA HEM C . 2.13 -10.93 16.40
CAA HEM C . 3.93 -12.92 14.54
CBA HEM C . 2.57 -13.57 14.28
CGA HEM C . 2.01 -13.29 12.89
O1A HEM C . 0.84 -12.92 12.81
O2A HEM C . 2.77 -13.44 11.90
C1B HEM C . 3.19 -6.74 15.01
C2B HEM C . 2.58 -5.57 15.61
C3B HEM C . 3.07 -4.45 14.97
C4B HEM C . 4.01 -4.99 13.95
CMB HEM C . 1.55 -5.65 16.77
CAB HEM C . 2.71 -3.10 15.28
CBB HEM C . 1.47 -2.48 15.62
C1C HEM C . 5.62 -4.69 12.08
C2C HEM C . 6.33 -3.79 11.16
C3C HEM C . 7.10 -4.63 10.35
C4C HEM C . 6.82 -6.00 10.81
CMC HEM C . 6.19 -2.25 11.15
CAC HEM C . 8.00 -4.31 9.27
CBC HEM C . 7.94 -3.30 8.28
C1D HEM C . 7.14 -8.45 10.66
C2D HEM C . 7.75 -9.62 10.04
C3D HEM C . 7.23 -10.70 10.69
C4D HEM C . 6.31 -10.19 11.71
CMD HEM C . 8.77 -9.65 8.88
CAD HEM C . 7.54 -12.17 10.41
CBD HEM C . 6.66 -12.54 9.23
CGD HEM C . 5.85 -13.79 9.44
O1D HEM C . 5.98 -14.72 8.60
O2D HEM C . 5.10 -13.84 10.44
NA HEM C . 4.39 -9.18 13.83
NB HEM C . 4.09 -6.38 13.98
NC HEM C . 5.91 -6.03 11.88
ND HEM C . 6.26 -8.81 11.67
FE HEM C . 5.20 -7.66 12.87
CHA HEM D . -15.02 5.96 -6.88
CHB HEM D . -15.70 1.22 -7.85
CHC HEM D . -11.12 0.88 -9.43
CHD HEM D . -10.44 5.60 -8.52
C1A HEM D . -15.58 4.68 -7.01
C2A HEM D . -16.95 4.37 -6.59
C3A HEM D . -17.16 3.03 -6.87
C4A HEM D . -15.91 2.54 -7.44
CMA HEM D . -18.45 2.22 -6.61
CAA HEM D . -17.96 5.39 -6.02
CBA HEM D . -18.46 5.00 -4.63
CGA HEM D . -17.37 4.86 -3.58
O1A HEM D . -17.37 3.84 -2.89
O2A HEM D . -16.52 5.77 -3.46
C1B HEM D . -14.53 0.69 -8.38
C2B HEM D . -14.34 -0.69 -8.77
C3B HEM D . -13.04 -0.83 -9.23
C4B HEM D . -12.45 0.52 -9.09
CMB HEM D . -15.43 -1.77 -8.65
CAB HEM D . -12.47 -2.06 -9.71
CBB HEM D . -12.35 -3.36 -9.13
C1C HEM D . -10.53 2.16 -9.31
C2C HEM D . -9.13 2.39 -9.67
C3C HEM D . -8.91 3.76 -9.41
C4C HEM D . -10.20 4.29 -8.90
CMC HEM D . -8.16 1.31 -10.22
CAC HEM D . -7.72 4.54 -9.58
CBC HEM D . -6.37 4.21 -9.28
C1D HEM D . -11.64 6.10 -8.00
C2D HEM D . -11.83 7.48 -7.59
C3D HEM D . -13.12 7.58 -7.13
C4D HEM D . -13.72 6.24 -7.27
CMD HEM D . -10.79 8.63 -7.66
CAD HEM D . -13.82 8.82 -6.58
CBD HEM D . -13.21 9.08 -5.20
CGD HEM D . -14.21 9.15 -4.07
O1D HEM D . -14.03 10.03 -3.20
O2D HEM D . -15.15 8.33 -4.06
NA HEM D . -14.96 3.56 -7.53
NB HEM D . -13.36 1.44 -8.59
NC HEM D . -11.18 3.29 -8.84
ND HEM D . -12.81 5.33 -7.80
FE HEM D . -13.10 3.39 -8.25
#